data_4H7W
#
_entry.id   4H7W
#
_cell.length_a   43.247
_cell.length_b   51.070
_cell.length_c   48.013
_cell.angle_alpha   90.00
_cell.angle_beta   107.44
_cell.angle_gamma   90.00
#
_symmetry.space_group_name_H-M   'P 1 21 1'
#
loop_
_entity.id
_entity.type
_entity.pdbx_description
1 polymer 'UPF0406 protein C16orf57'
2 non-polymer GLYCEROL
3 non-polymer 'CHLORIDE ION'
4 water water
#
_entity_poly.entity_id   1
_entity_poly.type   'polypeptide(L)'
_entity_poly.pdbx_seq_one_letter_code
;TFPHERGNWATHVYVPYEAKEEFLDLLDVLLPHAQTYVPRLVRMKVFHLSLSQSVVLRHHWILPFVQALKARMTSFHRFF
FTANQVKIYTNQEKTRTFIGLEVTSGHAQFLDLVSEVDRVMEEFNLTTFYQDPSFHLSLAWCVGDARLQLEGQCLQELQA
IVDGFEDAEVLLRVHTEQVRCKSGNKFFSMPLK
;
_entity_poly.pdbx_strand_id   A
#
loop_
_chem_comp.id
_chem_comp.type
_chem_comp.name
_chem_comp.formula
CL non-polymer 'CHLORIDE ION' 'Cl -1'
GOL non-polymer GLYCEROL 'C3 H8 O3'
#
# COMPACT_ATOMS: atom_id res chain seq x y z
N GLY A 7 -6.93 -0.11 26.98
CA GLY A 7 -6.63 0.85 25.81
C GLY A 7 -6.57 0.16 24.49
N ASN A 8 -7.25 0.68 23.43
CA ASN A 8 -7.32 0.20 22.03
C ASN A 8 -6.54 1.02 21.03
N TRP A 9 -5.66 0.32 20.32
CA TRP A 9 -4.67 0.96 19.42
C TRP A 9 -4.92 0.50 17.99
N ALA A 10 -5.17 1.46 17.08
CA ALA A 10 -5.30 1.17 15.67
C ALA A 10 -4.02 0.60 15.11
N THR A 11 -4.11 -0.51 14.40
CA THR A 11 -2.94 -1.28 13.98
C THR A 11 -3.10 -1.66 12.52
N HIS A 12 -2.01 -1.46 11.74
CA HIS A 12 -2.02 -1.70 10.31
C HIS A 12 -0.70 -2.24 9.89
N VAL A 13 -0.68 -3.24 9.01
CA VAL A 13 0.52 -3.88 8.50
C VAL A 13 0.63 -3.62 6.99
N TYR A 14 1.83 -3.30 6.52
CA TYR A 14 2.02 -2.86 5.14
C TYR A 14 3.47 -3.09 4.69
N VAL A 15 3.66 -3.00 3.39
CA VAL A 15 5.00 -3.06 2.76
C VAL A 15 5.38 -1.65 2.34
N PRO A 16 6.35 -1.04 3.00
CA PRO A 16 6.90 0.22 2.50
C PRO A 16 7.44 0.08 1.09
N TYR A 17 7.42 1.18 0.33
CA TYR A 17 8.09 1.32 -0.93
C TYR A 17 9.16 2.39 -0.82
N GLU A 18 10.39 1.98 -1.08
CA GLU A 18 11.55 2.88 -1.01
C GLU A 18 11.68 3.64 -2.30
N ALA A 19 11.19 4.84 -2.36
CA ALA A 19 11.06 5.56 -3.60
C ALA A 19 12.41 5.84 -4.35
N LYS A 20 12.55 5.31 -5.58
CA LYS A 20 13.65 5.68 -6.44
C LYS A 20 13.42 7.17 -6.88
N GLU A 21 14.58 7.77 -7.22
CA GLU A 21 14.53 9.20 -7.61
C GLU A 21 13.68 9.37 -8.83
N GLU A 22 13.70 8.33 -9.77
CA GLU A 22 12.86 8.28 -10.92
C GLU A 22 11.46 8.24 -10.58
N PHE A 23 11.12 7.51 -9.48
CA PHE A 23 9.71 7.46 -9.06
C PHE A 23 9.20 8.85 -8.65
N LEU A 24 10.03 9.58 -7.91
CA LEU A 24 9.62 10.89 -7.44
C LEU A 24 9.49 11.87 -8.66
N ASP A 25 10.33 11.73 -9.67
CA ASP A 25 10.16 12.52 -10.91
C ASP A 25 8.89 12.17 -11.63
N LEU A 26 8.51 10.88 -11.69
CA LEU A 26 7.23 10.48 -12.27
C LEU A 26 6.11 11.19 -11.54
N LEU A 27 6.12 11.15 -10.20
CA LEU A 27 5.09 11.77 -9.43
C LEU A 27 5.03 13.30 -9.62
N ASP A 28 6.21 13.89 -9.81
CA ASP A 28 6.27 15.32 -10.11
C ASP A 28 5.52 15.70 -11.41
N VAL A 29 5.43 14.74 -12.35
CA VAL A 29 4.65 14.97 -13.60
C VAL A 29 3.20 14.57 -13.42
N LEU A 30 2.93 13.39 -12.80
CA LEU A 30 1.58 12.92 -12.63
C LEU A 30 0.70 13.84 -11.81
N LEU A 31 1.25 14.31 -10.68
CA LEU A 31 0.42 15.03 -9.74
C LEU A 31 -0.12 16.34 -10.31
N PRO A 32 0.68 17.21 -10.90
CA PRO A 32 0.07 18.41 -11.49
C PRO A 32 -0.93 18.09 -12.56
N HIS A 33 -0.70 17.03 -13.35
CA HIS A 33 -1.65 16.68 -14.37
C HIS A 33 -2.99 16.35 -13.71
N ALA A 34 -2.97 15.51 -12.69
CA ALA A 34 -4.19 15.18 -11.98
C ALA A 34 -4.85 16.38 -11.33
N GLN A 35 -4.03 17.32 -10.85
CA GLN A 35 -4.51 18.53 -10.22
C GLN A 35 -5.25 19.46 -11.20
N THR A 36 -5.04 19.31 -12.50
CA THR A 36 -5.84 20.07 -13.42
C THR A 36 -7.30 19.62 -13.38
N TYR A 37 -7.58 18.41 -12.93
CA TYR A 37 -8.93 17.86 -12.74
C TYR A 37 -9.40 18.10 -11.33
N VAL A 38 -8.57 17.82 -10.33
CA VAL A 38 -8.90 17.93 -8.89
C VAL A 38 -7.76 18.66 -8.22
N PRO A 39 -7.82 19.98 -8.11
CA PRO A 39 -6.73 20.75 -7.54
C PRO A 39 -6.32 20.34 -6.15
N ARG A 40 -7.25 19.89 -5.35
CA ARG A 40 -7.01 19.65 -3.90
C ARG A 40 -6.27 18.35 -3.65
N LEU A 41 -5.90 17.57 -4.67
CA LEU A 41 -5.07 16.40 -4.45
C LEU A 41 -3.78 16.77 -3.73
N VAL A 42 -3.34 15.91 -2.84
CA VAL A 42 -2.21 15.97 -1.91
C VAL A 42 -1.26 14.83 -2.29
N ARG A 43 0.05 15.14 -2.48
CA ARG A 43 1.04 14.12 -2.70
C ARG A 43 1.24 13.27 -1.44
N MET A 44 1.36 11.96 -1.61
CA MET A 44 1.82 11.14 -0.49
CA MET A 44 1.84 11.12 -0.49
C MET A 44 3.28 11.51 -0.16
N LYS A 45 3.57 11.50 1.13
CA LYS A 45 4.89 11.71 1.67
C LYS A 45 5.75 10.46 1.75
N VAL A 46 5.12 9.36 2.01
CA VAL A 46 5.67 8.06 2.05
C VAL A 46 4.68 7.13 1.34
N PHE A 47 5.19 5.98 0.89
CA PHE A 47 4.47 5.11 -0.01
C PHE A 47 4.47 3.69 0.53
N HIS A 48 3.40 2.96 0.35
CA HIS A 48 3.26 1.61 0.93
CA HIS A 48 3.33 1.58 0.80
C HIS A 48 2.18 0.85 0.17
N LEU A 49 2.19 -0.46 0.37
CA LEU A 49 1.10 -1.37 -0.08
C LEU A 49 0.56 -2.08 1.17
N SER A 50 -0.74 -1.93 1.43
CA SER A 50 -1.33 -2.52 2.58
CA SER A 50 -1.33 -2.56 2.58
C SER A 50 -1.40 -4.05 2.50
N LEU A 51 -1.21 -4.68 3.68
CA LEU A 51 -1.34 -6.12 3.92
C LEU A 51 -2.40 -6.46 4.90
N SER A 52 -3.10 -5.46 5.45
CA SER A 52 -4.11 -5.71 6.47
C SER A 52 -5.16 -4.61 6.47
N GLN A 53 -6.30 -4.94 7.05
CA GLN A 53 -7.21 -3.93 7.45
C GLN A 53 -6.60 -3.14 8.63
N SER A 54 -7.22 -2.00 8.93
CA SER A 54 -6.93 -1.29 10.17
C SER A 54 -7.73 -1.99 11.25
N VAL A 55 -7.09 -2.57 12.21
CA VAL A 55 -7.66 -3.33 13.29
C VAL A 55 -7.34 -2.71 14.59
N VAL A 56 -7.96 -3.08 15.66
CA VAL A 56 -7.69 -2.55 16.96
CA VAL A 56 -7.67 -2.54 16.95
C VAL A 56 -7.11 -3.65 17.86
N LEU A 57 -6.01 -3.33 18.56
CA LEU A 57 -5.35 -4.20 19.48
C LEU A 57 -5.35 -3.54 20.84
N ARG A 58 -5.55 -4.29 21.93
CA ARG A 58 -5.37 -3.76 23.24
C ARG A 58 -3.86 -3.46 23.41
N HIS A 59 -3.53 -2.45 24.15
CA HIS A 59 -2.16 -2.04 24.34
C HIS A 59 -1.23 -3.15 24.78
N HIS A 60 -1.70 -3.97 25.71
CA HIS A 60 -0.89 -5.06 26.22
C HIS A 60 -0.37 -5.96 25.11
N TRP A 61 -1.14 -6.12 24.04
CA TRP A 61 -0.81 -7.06 23.02
C TRP A 61 0.03 -6.52 21.88
N ILE A 62 0.41 -5.22 21.87
CA ILE A 62 1.14 -4.66 20.77
CA ILE A 62 1.11 -4.64 20.77
C ILE A 62 2.49 -5.32 20.62
N LEU A 63 3.30 -5.37 21.67
CA LEU A 63 4.62 -5.91 21.54
C LEU A 63 4.57 -7.43 21.20
N PRO A 64 3.70 -8.24 21.84
CA PRO A 64 3.60 -9.63 21.42
C PRO A 64 3.18 -9.77 19.92
N PHE A 65 2.26 -8.94 19.47
CA PHE A 65 1.80 -8.95 18.07
C PHE A 65 3.00 -8.69 17.17
N VAL A 66 3.80 -7.66 17.47
CA VAL A 66 4.96 -7.33 16.68
C VAL A 66 5.97 -8.48 16.68
N GLN A 67 6.18 -9.11 17.86
CA GLN A 67 7.04 -10.28 17.90
C GLN A 67 6.60 -11.40 16.97
N ALA A 68 5.30 -11.68 17.04
CA ALA A 68 4.74 -12.74 16.26
C ALA A 68 4.87 -12.39 14.76
N LEU A 69 4.59 -11.15 14.39
CA LEU A 69 4.71 -10.69 13.03
C LEU A 69 6.14 -10.80 12.54
N LYS A 70 7.10 -10.34 13.33
CA LYS A 70 8.51 -10.37 12.94
C LYS A 70 8.92 -11.81 12.70
N ALA A 71 8.50 -12.75 13.56
CA ALA A 71 8.90 -14.14 13.43
C ALA A 71 8.48 -14.70 12.05
N ARG A 72 7.27 -14.40 11.58
CA ARG A 72 6.80 -14.85 10.25
C ARG A 72 7.39 -14.04 9.12
N MET A 73 7.45 -12.74 9.24
CA MET A 73 7.90 -11.91 8.10
CA MET A 73 7.86 -11.90 8.11
C MET A 73 9.35 -12.11 7.80
N THR A 74 10.19 -12.23 8.84
CA THR A 74 11.63 -12.25 8.57
C THR A 74 12.07 -13.53 7.83
N SER A 75 11.20 -14.53 7.74
CA SER A 75 11.41 -15.77 7.00
CA SER A 75 11.44 -15.78 7.01
C SER A 75 10.91 -15.72 5.51
N PHE A 76 10.18 -14.73 5.17
CA PHE A 76 9.60 -14.57 3.92
C PHE A 76 10.62 -13.81 3.03
N HIS A 77 10.81 -14.27 1.80
CA HIS A 77 11.80 -13.71 0.95
C HIS A 77 11.39 -12.43 0.24
N ARG A 78 12.35 -11.53 0.06
CA ARG A 78 12.19 -10.37 -0.80
C ARG A 78 11.74 -10.81 -2.17
N PHE A 79 11.06 -9.95 -2.93
CA PHE A 79 10.57 -10.30 -4.28
C PHE A 79 10.38 -9.01 -5.06
N PHE A 80 10.12 -9.23 -6.37
CA PHE A 80 9.85 -8.18 -7.33
C PHE A 80 8.42 -8.16 -7.76
N PHE A 81 7.87 -6.96 -8.06
CA PHE A 81 6.56 -6.84 -8.55
C PHE A 81 6.49 -5.72 -9.59
N THR A 82 5.40 -5.72 -10.36
CA THR A 82 5.07 -4.68 -11.33
C THR A 82 3.92 -3.87 -10.80
N ALA A 83 4.06 -2.53 -10.85
CA ALA A 83 2.98 -1.62 -10.47
C ALA A 83 2.99 -0.43 -11.45
N ASN A 84 2.38 -0.65 -12.62
CA ASN A 84 2.37 0.35 -13.69
C ASN A 84 0.97 0.62 -14.24
N GLN A 85 -0.06 0.17 -13.55
CA GLN A 85 -1.46 0.37 -13.94
C GLN A 85 -2.09 1.39 -13.02
N VAL A 86 -2.46 2.55 -13.50
CA VAL A 86 -3.06 3.57 -12.68
C VAL A 86 -4.50 3.24 -12.40
N LYS A 87 -4.91 3.40 -11.16
CA LYS A 87 -6.28 3.16 -10.74
C LYS A 87 -6.71 4.20 -9.75
N ILE A 88 -8.01 4.46 -9.67
CA ILE A 88 -8.60 5.31 -8.70
C ILE A 88 -9.30 4.49 -7.61
N TYR A 89 -8.97 4.74 -6.32
N TYR A 89 -9.29 4.84 -6.40
CA TYR A 89 -9.45 4.02 -5.07
CA TYR A 89 -10.24 4.16 -5.65
C TYR A 89 -10.27 5.04 -4.26
C TYR A 89 -10.40 5.03 -4.38
N THR A 90 -11.29 4.53 -3.52
CA THR A 90 -11.76 5.26 -2.36
C THR A 90 -11.61 4.43 -1.07
N ASN A 91 -11.66 5.06 0.09
CA ASN A 91 -11.85 4.33 1.32
C ASN A 91 -13.30 3.91 1.45
N GLN A 92 -13.57 3.04 2.41
CA GLN A 92 -14.93 2.46 2.46
C GLN A 92 -16.06 3.53 2.65
N GLU A 93 -15.77 4.56 3.47
CA GLU A 93 -16.70 5.64 3.77
C GLU A 93 -16.82 6.64 2.60
N LYS A 94 -15.93 6.55 1.60
CA LYS A 94 -15.85 7.55 0.51
C LYS A 94 -15.56 8.98 0.96
N THR A 95 -14.81 9.09 2.03
CA THR A 95 -14.31 10.33 2.51
C THR A 95 -12.92 10.64 2.01
N ARG A 96 -12.27 9.67 1.34
CA ARG A 96 -10.99 9.88 0.72
C ARG A 96 -10.97 9.18 -0.65
N THR A 97 -10.33 9.84 -1.62
CA THR A 97 -10.06 9.27 -2.92
C THR A 97 -8.53 9.22 -3.08
N PHE A 98 -8.06 8.18 -3.78
CA PHE A 98 -6.65 7.93 -4.01
C PHE A 98 -6.40 7.70 -5.48
N ILE A 99 -5.23 8.16 -5.93
CA ILE A 99 -4.65 7.73 -7.22
C ILE A 99 -3.56 6.74 -6.86
N GLY A 100 -3.61 5.53 -7.39
CA GLY A 100 -2.65 4.52 -7.08
C GLY A 100 -2.15 3.78 -8.29
N LEU A 101 -1.15 2.94 -8.04
CA LEU A 101 -0.59 2.00 -8.98
C LEU A 101 -0.92 0.60 -8.54
N GLU A 102 -1.67 -0.12 -9.33
CA GLU A 102 -2.10 -1.48 -9.01
C GLU A 102 -1.06 -2.51 -9.43
N VAL A 103 -0.84 -3.49 -8.56
CA VAL A 103 0.11 -4.55 -8.81
C VAL A 103 -0.48 -5.57 -9.81
N THR A 104 0.31 -5.96 -10.78
CA THR A 104 0.01 -7.04 -11.71
C THR A 104 0.92 -8.20 -11.41
N SER A 105 2.03 -8.36 -12.14
CA SER A 105 3.03 -9.33 -11.78
C SER A 105 3.50 -9.09 -10.32
N GLY A 106 3.66 -10.14 -9.55
CA GLY A 106 3.96 -10.07 -8.15
C GLY A 106 2.77 -10.17 -7.23
N HIS A 107 1.56 -10.10 -7.77
CA HIS A 107 0.37 -10.25 -6.96
C HIS A 107 0.39 -11.55 -6.14
N ALA A 108 0.85 -12.64 -6.77
CA ALA A 108 0.92 -13.95 -6.08
C ALA A 108 1.73 -13.85 -4.79
N GLN A 109 2.88 -13.20 -4.88
CA GLN A 109 3.75 -13.05 -3.69
CA GLN A 109 3.75 -13.04 -3.72
C GLN A 109 3.05 -12.23 -2.62
N PHE A 110 2.35 -11.16 -3.00
CA PHE A 110 1.59 -10.39 -2.03
C PHE A 110 0.48 -11.26 -1.38
N LEU A 111 -0.16 -12.13 -2.15
CA LEU A 111 -1.13 -13.03 -1.53
C LEU A 111 -0.49 -13.93 -0.48
N ASP A 112 0.66 -14.44 -0.77
CA ASP A 112 1.37 -15.28 0.20
C ASP A 112 1.76 -14.48 1.43
N LEU A 113 2.20 -13.24 1.26
CA LEU A 113 2.51 -12.40 2.38
CA LEU A 113 2.48 -12.32 2.44
C LEU A 113 1.26 -12.14 3.26
N VAL A 114 0.13 -11.82 2.60
CA VAL A 114 -1.10 -11.65 3.31
C VAL A 114 -1.51 -12.91 4.06
N SER A 115 -1.28 -14.08 3.48
CA SER A 115 -1.64 -15.33 4.19
CA SER A 115 -1.66 -15.32 4.18
C SER A 115 -0.92 -15.40 5.50
N GLU A 116 0.35 -15.00 5.52
CA GLU A 116 1.14 -15.00 6.78
C GLU A 116 0.65 -13.93 7.74
N VAL A 117 0.36 -12.72 7.26
CA VAL A 117 -0.18 -11.70 8.12
C VAL A 117 -1.48 -12.14 8.70
N ASP A 118 -2.35 -12.75 7.89
CA ASP A 118 -3.61 -13.20 8.35
C ASP A 118 -3.48 -14.31 9.46
N ARG A 119 -2.47 -15.14 9.38
CA ARG A 119 -2.22 -16.10 10.46
CA ARG A 119 -2.23 -16.10 10.45
C ARG A 119 -1.98 -15.40 11.77
N VAL A 120 -1.18 -14.31 11.73
CA VAL A 120 -0.92 -13.53 12.92
C VAL A 120 -2.17 -12.84 13.41
N MET A 121 -2.98 -12.29 12.49
CA MET A 121 -4.23 -11.73 12.87
CA MET A 121 -4.24 -11.70 12.86
C MET A 121 -5.10 -12.71 13.63
N GLU A 122 -5.24 -13.90 13.15
CA GLU A 122 -6.04 -14.93 13.84
C GLU A 122 -5.44 -15.30 15.18
N GLU A 123 -4.14 -15.34 15.30
CA GLU A 123 -3.43 -15.58 16.56
C GLU A 123 -3.78 -14.58 17.65
N PHE A 124 -4.22 -13.40 17.24
CA PHE A 124 -4.57 -12.28 18.10
C PHE A 124 -6.08 -11.92 18.03
N ASN A 125 -6.90 -12.78 17.44
CA ASN A 125 -8.38 -12.46 17.29
C ASN A 125 -8.64 -11.23 16.49
N LEU A 126 -7.92 -10.90 15.44
CA LEU A 126 -8.11 -9.75 14.66
C LEU A 126 -8.62 -10.10 13.25
N THR A 127 -9.27 -9.19 12.59
CA THR A 127 -9.89 -9.33 11.30
C THR A 127 -8.82 -9.57 10.22
N THR A 128 -9.00 -10.59 9.41
CA THR A 128 -8.16 -10.93 8.28
C THR A 128 -8.47 -10.10 7.09
N PHE A 129 -7.61 -10.21 6.07
CA PHE A 129 -7.55 -9.25 5.02
C PHE A 129 -8.81 -9.25 4.08
N TYR A 130 -8.98 -8.21 3.23
CA TYR A 130 -10.15 -8.12 2.31
C TYR A 130 -10.24 -9.34 1.51
N GLN A 131 -11.47 -9.76 1.21
CA GLN A 131 -11.67 -11.00 0.41
C GLN A 131 -11.26 -10.94 -1.08
N ASP A 132 -11.25 -9.73 -1.65
CA ASP A 132 -10.89 -9.57 -3.08
C ASP A 132 -9.92 -8.41 -3.14
N PRO A 133 -8.67 -8.70 -2.82
CA PRO A 133 -7.72 -7.57 -2.73
C PRO A 133 -7.21 -7.08 -4.13
N SER A 134 -6.89 -5.78 -4.17
CA SER A 134 -6.15 -5.22 -5.30
C SER A 134 -4.99 -4.51 -4.63
N PHE A 135 -3.82 -5.16 -4.74
CA PHE A 135 -2.69 -4.55 -4.05
C PHE A 135 -2.34 -3.30 -4.82
N HIS A 136 -2.00 -2.25 -4.11
CA HIS A 136 -1.65 -0.98 -4.75
C HIS A 136 -0.83 -0.11 -3.88
N LEU A 137 -0.06 0.76 -4.53
CA LEU A 137 0.73 1.86 -4.11
CA LEU A 137 0.64 1.79 -3.97
C LEU A 137 -0.01 3.14 -4.29
N SER A 138 -0.47 3.82 -3.25
CA SER A 138 -1.15 5.14 -3.36
C SER A 138 -0.11 6.26 -3.55
N LEU A 139 -0.38 7.11 -4.51
CA LEU A 139 0.48 8.21 -4.87
C LEU A 139 0.05 9.57 -4.40
N ALA A 140 -1.26 9.75 -4.36
CA ALA A 140 -1.87 11.04 -4.01
C ALA A 140 -3.26 10.75 -3.51
N TRP A 141 -3.83 11.70 -2.74
CA TRP A 141 -5.15 11.51 -2.14
C TRP A 141 -5.81 12.85 -2.06
N CYS A 142 -7.14 12.82 -1.90
CA CYS A 142 -7.92 14.03 -1.58
C CYS A 142 -9.05 13.66 -0.67
N VAL A 143 -9.57 14.71 -0.02
CA VAL A 143 -10.83 14.65 0.75
CA VAL A 143 -10.79 14.49 0.75
C VAL A 143 -12.03 14.38 -0.17
N GLY A 144 -12.98 13.61 0.25
CA GLY A 144 -14.18 13.40 -0.51
C GLY A 144 -14.02 12.32 -1.56
N ASP A 145 -15.07 12.21 -2.35
CA ASP A 145 -15.24 11.26 -3.43
C ASP A 145 -15.07 11.96 -4.76
N ALA A 146 -13.87 11.88 -5.36
CA ALA A 146 -13.49 12.52 -6.60
C ALA A 146 -13.41 11.55 -7.76
N ARG A 147 -14.03 10.38 -7.64
CA ARG A 147 -13.98 9.41 -8.75
C ARG A 147 -14.50 9.96 -10.05
N LEU A 148 -15.57 10.72 -10.05
CA LEU A 148 -16.15 11.20 -11.29
C LEU A 148 -15.16 12.07 -12.07
N GLN A 149 -14.38 12.86 -11.37
CA GLN A 149 -13.47 13.79 -11.98
CA GLN A 149 -13.47 13.78 -12.02
C GLN A 149 -12.21 13.07 -12.46
N LEU A 150 -11.80 12.00 -11.79
CA LEU A 150 -10.53 11.37 -12.02
C LEU A 150 -10.58 10.15 -12.95
N GLU A 151 -11.67 9.42 -12.95
CA GLU A 151 -11.84 8.30 -13.83
C GLU A 151 -12.14 8.85 -15.22
N GLY A 152 -11.99 8.05 -16.19
CA GLY A 152 -12.23 8.66 -17.57
C GLY A 152 -11.05 9.31 -18.19
N GLN A 153 -11.19 10.50 -18.72
CA GLN A 153 -10.14 11.12 -19.49
C GLN A 153 -8.88 11.33 -18.59
N CYS A 154 -9.03 11.84 -17.38
CA CYS A 154 -7.87 12.06 -16.55
C CYS A 154 -7.09 10.77 -16.38
N LEU A 155 -7.74 9.70 -15.99
CA LEU A 155 -7.11 8.40 -15.79
C LEU A 155 -6.35 7.95 -17.03
N GLN A 156 -6.96 8.07 -18.22
CA GLN A 156 -6.34 7.66 -19.44
C GLN A 156 -5.05 8.49 -19.67
N GLU A 157 -5.10 9.76 -19.38
CA GLU A 157 -3.93 10.64 -19.54
C GLU A 157 -2.85 10.26 -18.54
N LEU A 158 -3.21 9.96 -17.31
CA LEU A 158 -2.21 9.52 -16.32
C LEU A 158 -1.58 8.22 -16.76
N GLN A 159 -2.40 7.28 -17.26
CA GLN A 159 -1.84 6.03 -17.78
C GLN A 159 -0.88 6.30 -18.91
N ALA A 160 -1.15 7.25 -19.82
CA ALA A 160 -0.22 7.52 -20.89
C ALA A 160 1.08 8.10 -20.38
N ILE A 161 1.06 8.89 -19.31
CA ILE A 161 2.30 9.38 -18.70
C ILE A 161 3.08 8.19 -18.18
N VAL A 162 2.43 7.26 -17.50
CA VAL A 162 3.11 6.07 -16.99
C VAL A 162 3.66 5.22 -18.13
N ASP A 163 2.84 4.99 -19.18
CA ASP A 163 3.25 4.13 -20.27
C ASP A 163 4.45 4.75 -21.03
N GLY A 164 4.57 6.05 -21.03
CA GLY A 164 5.69 6.74 -21.68
C GLY A 164 6.86 6.94 -20.77
N PHE A 165 6.80 6.53 -19.51
CA PHE A 165 7.83 6.85 -18.56
C PHE A 165 9.07 6.06 -18.81
N GLU A 166 10.23 6.72 -18.60
CA GLU A 166 11.51 6.12 -18.66
C GLU A 166 12.27 6.54 -17.39
N ASP A 167 12.96 5.65 -16.70
CA ASP A 167 13.16 4.21 -17.00
C ASP A 167 11.95 3.39 -16.57
N ALA A 168 11.32 2.72 -17.51
CA ALA A 168 10.20 1.90 -17.24
C ALA A 168 10.46 0.81 -16.21
N GLU A 169 11.71 0.37 -16.10
CA GLU A 169 12.11 -0.65 -15.13
C GLU A 169 11.77 -0.26 -13.71
N VAL A 170 11.72 1.01 -13.41
CA VAL A 170 11.38 1.47 -12.07
C VAL A 170 10.05 0.95 -11.62
N LEU A 171 9.08 0.84 -12.53
CA LEU A 171 7.74 0.31 -12.19
C LEU A 171 7.57 -1.14 -12.62
N LEU A 172 8.35 -1.65 -13.55
CA LEU A 172 8.27 -3.02 -13.96
C LEU A 172 8.82 -3.95 -12.87
N ARG A 173 9.86 -3.53 -12.19
CA ARG A 173 10.60 -4.39 -11.29
C ARG A 173 10.83 -3.63 -9.97
N VAL A 174 9.80 -3.50 -9.19
CA VAL A 174 9.79 -2.86 -7.91
C VAL A 174 10.23 -3.94 -6.89
N HIS A 175 11.35 -3.79 -6.13
N HIS A 175 10.93 -3.47 -5.91
CA HIS A 175 11.98 -4.89 -5.24
CA HIS A 175 11.46 -4.37 -4.94
C HIS A 175 11.57 -4.64 -3.73
C HIS A 175 10.76 -4.27 -3.65
N THR A 176 10.64 -5.46 -3.11
CA THR A 176 10.26 -5.38 -1.73
C THR A 176 11.49 -5.62 -0.81
N GLU A 177 11.49 -4.97 0.31
CA GLU A 177 12.59 -4.96 1.30
C GLU A 177 12.16 -5.39 2.67
N GLN A 178 11.01 -4.88 3.11
CA GLN A 178 10.67 -4.85 4.50
C GLN A 178 9.16 -4.89 4.67
N VAL A 179 8.74 -5.25 5.88
CA VAL A 179 7.33 -5.13 6.32
C VAL A 179 7.33 -4.21 7.54
N ARG A 180 6.28 -3.42 7.62
CA ARG A 180 6.09 -2.44 8.70
C ARG A 180 4.72 -2.58 9.33
N CYS A 181 4.66 -2.28 10.62
CA CYS A 181 3.40 -2.18 11.34
C CYS A 181 3.36 -0.82 12.03
N LYS A 182 2.24 -0.13 11.88
CA LYS A 182 1.96 1.07 12.65
C LYS A 182 0.86 0.69 13.66
N SER A 183 1.11 0.95 14.92
CA SER A 183 0.13 0.72 15.99
C SER A 183 0.08 2.00 16.83
N GLY A 184 -1.07 2.67 16.83
CA GLY A 184 -1.22 3.97 17.44
C GLY A 184 -0.22 4.92 16.76
N ASN A 185 0.69 5.55 17.57
CA ASN A 185 1.73 6.43 17.06
C ASN A 185 3.03 5.72 16.84
N LYS A 186 3.11 4.39 17.03
CA LYS A 186 4.35 3.65 17.00
C LYS A 186 4.51 2.90 15.67
N PHE A 187 5.75 2.78 15.23
CA PHE A 187 6.10 2.00 14.04
C PHE A 187 7.08 0.92 14.42
N PHE A 188 7.01 -0.18 13.68
CA PHE A 188 7.87 -1.34 13.83
C PHE A 188 8.21 -1.84 12.45
N SER A 189 9.50 -2.07 12.16
CA SER A 189 9.93 -2.51 10.84
C SER A 189 10.78 -3.76 10.97
N MET A 190 10.78 -4.53 9.88
CA MET A 190 11.48 -5.82 9.85
C MET A 190 11.88 -6.15 8.43
N PRO A 191 13.07 -6.70 8.22
CA PRO A 191 13.49 -7.05 6.87
C PRO A 191 12.88 -8.36 6.39
N LEU A 192 12.60 -8.39 5.09
CA LEU A 192 12.31 -9.63 4.39
C LEU A 192 13.65 -10.29 4.11
N LYS A 193 13.61 -11.62 3.96
CA LYS A 193 14.79 -12.41 3.79
C LYS A 193 15.41 -12.31 2.38
C1 GOL B . -5.13 -10.80 21.66
O1 GOL B . -5.30 -9.67 20.74
C2 GOL B . -6.37 -10.91 22.54
O2 GOL B . -7.55 -11.15 21.73
C3 GOL B . -6.17 -12.06 23.44
O3 GOL B . -7.23 -12.14 24.39
O3 GOL B . -5.83 -13.40 23.00
CL CL C . -10.60 20.68 -5.72
#